data_5DJI
#
_entry.id   5DJI
#
_cell.length_a   40.637
_cell.length_b   58.200
_cell.length_c   101.510
_cell.angle_alpha   90.00
_cell.angle_beta   90.00
_cell.angle_gamma   90.00
#
_symmetry.space_group_name_H-M   'P 21 21 21'
#
loop_
_entity.id
_entity.type
_entity.pdbx_description
1 polymer "3'-phosphoadenosine 5'-phosphate phosphatase"
2 non-polymer 'MAGNESIUM ION'
3 non-polymer 'ADENOSINE MONOPHOSPHATE'
4 non-polymer 'PHOSPHATE ION'
5 water water
#
_entity_poly.entity_id   1
_entity_poly.type   'polypeptide(L)'
_entity_poly.pdbx_seq_one_letter_code
;MGSSHHHHHHSSGLVPRGSHMVVSPAAPDLTDDLTDAELAADLAADAGKLLLQVRAEIGFDQPWTLGEAGDRQANSLLLR
RLQAERPGDAVLSEEAHDDLARLKSDRVWIIDPLDGTREFSTPGRDDWAVHIALWRRSSNGQPEITDAAVALPARGNVVY
RTDTVTSGAAPAGVPGTLRIAVSATRPPAVLHRIRQTLAIQPVSIGSAGAKAMAVIDGYVDAYLHAGGQWEWDSAAPAGV
MLAAGMHASRLDGSPLRYNQLDPYLPDLLMCRAEVAPILLGAIADAWR
;
_entity_poly.pdbx_strand_id   A
#
# COMPACT_ATOMS: atom_id res chain seq x y z
N HIS A 6 21.55 -22.04 9.01
CA HIS A 6 21.54 -23.24 8.19
C HIS A 6 20.12 -23.75 7.92
N HIS A 7 19.88 -24.07 6.67
CA HIS A 7 18.59 -24.53 6.14
C HIS A 7 17.49 -23.47 6.21
N HIS A 8 17.91 -22.24 5.96
CA HIS A 8 17.25 -21.42 4.97
C HIS A 8 15.72 -21.49 5.02
N HIS A 9 15.12 -21.68 3.86
CA HIS A 9 13.70 -21.98 3.75
C HIS A 9 13.62 -23.02 2.64
N HIS A 10 12.41 -23.51 2.37
CA HIS A 10 12.25 -24.56 1.36
C HIS A 10 11.96 -24.02 -0.04
N SER A 11 12.26 -24.86 -1.04
CA SER A 11 11.99 -24.59 -2.45
C SER A 11 12.73 -23.36 -2.93
N ASP A 32 20.54 -12.37 7.04
CA ASP A 32 20.88 -12.36 5.62
C ASP A 32 20.30 -13.58 4.91
N ASP A 33 19.50 -14.35 5.63
CA ASP A 33 18.88 -15.54 5.04
C ASP A 33 17.39 -15.57 5.35
N LEU A 34 16.66 -14.66 4.73
CA LEU A 34 15.24 -14.47 4.98
C LEU A 34 14.37 -14.99 3.83
N THR A 35 13.15 -15.43 4.14
CA THR A 35 12.16 -15.71 3.11
C THR A 35 11.78 -14.37 2.49
N ASP A 36 11.12 -14.41 1.34
CA ASP A 36 10.70 -13.16 0.71
C ASP A 36 9.73 -12.39 1.63
N ALA A 37 8.84 -13.09 2.32
CA ALA A 37 7.91 -12.42 3.25
C ALA A 37 8.64 -11.84 4.46
N GLU A 38 9.61 -12.58 5.00
CA GLU A 38 10.42 -12.05 6.09
C GLU A 38 11.19 -10.80 5.65
N LEU A 39 11.70 -10.83 4.43
CA LEU A 39 12.45 -9.68 3.92
C LEU A 39 11.52 -8.50 3.70
N ALA A 40 10.35 -8.73 3.10
CA ALA A 40 9.37 -7.65 2.95
C ALA A 40 9.10 -6.97 4.30
N ALA A 41 8.91 -7.77 5.34
CA ALA A 41 8.59 -7.23 6.67
C ALA A 41 9.77 -6.49 7.27
N ASP A 42 10.97 -7.02 7.06
CA ASP A 42 12.15 -6.40 7.63
C ASP A 42 12.46 -5.08 6.93
N LEU A 43 12.29 -5.06 5.62
CA LEU A 43 12.46 -3.82 4.85
C LEU A 43 11.46 -2.76 5.29
N ALA A 44 10.21 -3.18 5.47
CA ALA A 44 9.19 -2.22 5.85
C ALA A 44 9.47 -1.62 7.23
N ALA A 45 9.89 -2.47 8.16
CA ALA A 45 10.21 -2.01 9.51
C ALA A 45 11.41 -1.10 9.53
N ASP A 46 12.44 -1.45 8.74
CA ASP A 46 13.71 -0.72 8.71
C ASP A 46 13.48 0.67 8.11
N ALA A 47 12.74 0.72 7.02
CA ALA A 47 12.39 2.01 6.44
C ALA A 47 11.53 2.80 7.42
N GLY A 48 10.63 2.11 8.13
CA GLY A 48 9.82 2.76 9.14
C GLY A 48 10.66 3.44 10.22
N LYS A 49 11.65 2.73 10.74
CA LYS A 49 12.54 3.30 11.75
CA LYS A 49 12.52 3.31 11.75
C LYS A 49 13.27 4.52 11.20
N LEU A 50 13.79 4.41 9.97
CA LEU A 50 14.51 5.52 9.37
C LEU A 50 13.58 6.74 9.23
N LEU A 51 12.36 6.53 8.78
CA LEU A 51 11.41 7.63 8.63
C LEU A 51 11.11 8.30 9.97
N LEU A 52 10.95 7.50 11.02
CA LEU A 52 10.78 8.06 12.37
C LEU A 52 12.00 8.88 12.79
N GLN A 53 13.20 8.45 12.41
CA GLN A 53 14.41 9.24 12.70
C GLN A 53 14.41 10.56 11.95
N VAL A 54 14.05 10.49 10.67
CA VAL A 54 14.02 11.70 9.84
C VAL A 54 13.03 12.71 10.41
N ARG A 55 11.86 12.22 10.80
CA ARG A 55 10.82 13.07 11.38
C ARG A 55 11.34 13.78 12.64
N ALA A 56 12.03 13.05 13.49
CA ALA A 56 12.52 13.63 14.73
C ALA A 56 13.66 14.63 14.50
N GLU A 57 14.53 14.32 13.52
CA GLU A 57 15.68 15.16 13.20
C GLU A 57 15.29 16.48 12.52
N ILE A 58 14.50 16.38 11.46
CA ILE A 58 14.17 17.54 10.64
C ILE A 58 13.04 18.36 11.22
N GLY A 59 12.05 17.68 11.78
CA GLY A 59 10.95 18.37 12.43
C GLY A 59 9.99 18.93 11.39
N PHE A 60 9.04 19.73 11.86
CA PHE A 60 7.86 20.05 11.07
C PHE A 60 7.80 21.50 10.57
N ASP A 61 8.85 22.29 10.81
CA ASP A 61 8.81 23.71 10.43
C ASP A 61 8.62 23.91 8.93
N GLN A 62 9.27 23.05 8.14
CA GLN A 62 9.13 23.07 6.68
C GLN A 62 8.57 21.75 6.20
N PRO A 63 7.25 21.63 6.06
CA PRO A 63 6.69 20.32 5.68
C PRO A 63 7.21 19.80 4.34
N TRP A 64 7.49 20.70 3.39
CA TRP A 64 8.00 20.24 2.09
C TRP A 64 9.34 19.53 2.24
N THR A 65 10.24 20.17 2.98
CA THR A 65 11.57 19.65 3.24
C THR A 65 11.54 18.32 3.98
N LEU A 66 10.64 18.24 4.96
CA LEU A 66 10.47 17.02 5.73
C LEU A 66 10.01 15.88 4.83
N GLY A 67 9.02 16.13 3.99
CA GLY A 67 8.47 15.09 3.12
C GLY A 67 9.48 14.61 2.10
N GLU A 68 10.22 15.55 1.52
CA GLU A 68 11.23 15.23 0.54
CA GLU A 68 11.24 15.22 0.54
C GLU A 68 12.34 14.36 1.13
N ALA A 69 12.78 14.71 2.34
CA ALA A 69 13.80 13.93 3.02
C ALA A 69 13.34 12.52 3.34
N GLY A 70 12.10 12.39 3.79
CA GLY A 70 11.54 11.09 4.05
C GLY A 70 11.48 10.22 2.81
N ASP A 71 10.92 10.77 1.73
CA ASP A 71 10.86 10.05 0.46
C ASP A 71 12.26 9.61 0.02
N ARG A 72 13.20 10.55 0.01
CA ARG A 72 14.52 10.26 -0.54
C ARG A 72 15.31 9.29 0.33
N GLN A 73 15.31 9.49 1.64
CA GLN A 73 16.11 8.61 2.49
C GLN A 73 15.52 7.20 2.60
N ALA A 74 14.20 7.08 2.69
CA ALA A 74 13.57 5.76 2.72
C ALA A 74 13.87 5.01 1.43
N ASN A 75 13.74 5.71 0.30
CA ASN A 75 14.05 5.09 -0.98
C ASN A 75 15.49 4.59 -1.03
N SER A 76 16.42 5.43 -0.60
CA SER A 76 17.84 5.05 -0.63
CA SER A 76 17.83 5.06 -0.62
C SER A 76 18.10 3.79 0.19
N LEU A 77 17.50 3.71 1.38
CA LEU A 77 17.68 2.54 2.23
C LEU A 77 17.15 1.30 1.53
N LEU A 78 15.95 1.41 0.98
CA LEU A 78 15.29 0.26 0.39
C LEU A 78 16.02 -0.24 -0.84
N LEU A 79 16.47 0.66 -1.70
CA LEU A 79 17.20 0.23 -2.91
C LEU A 79 18.54 -0.38 -2.53
N ARG A 80 19.23 0.18 -1.54
CA ARG A 80 20.50 -0.39 -1.10
C ARG A 80 20.29 -1.82 -0.58
N ARG A 81 19.27 -2.01 0.24
CA ARG A 81 19.08 -3.33 0.83
C ARG A 81 18.60 -4.34 -0.22
N LEU A 82 17.74 -3.90 -1.14
CA LEU A 82 17.26 -4.84 -2.16
C LEU A 82 18.39 -5.27 -3.10
N GLN A 83 19.30 -4.35 -3.43
CA GLN A 83 20.45 -4.74 -4.24
CA GLN A 83 20.47 -4.72 -4.23
C GLN A 83 21.35 -5.72 -3.47
N ALA A 84 21.52 -5.48 -2.18
CA ALA A 84 22.40 -6.32 -1.37
C ALA A 84 21.84 -7.72 -1.11
N GLU A 85 20.51 -7.80 -0.97
CA GLU A 85 19.89 -9.00 -0.45
C GLU A 85 19.07 -9.75 -1.51
N ARG A 86 18.66 -9.03 -2.55
CA ARG A 86 18.00 -9.63 -3.71
C ARG A 86 18.57 -9.06 -5.01
N PRO A 87 19.87 -9.24 -5.25
CA PRO A 87 20.51 -8.59 -6.42
C PRO A 87 19.92 -8.97 -7.78
N GLY A 88 19.25 -10.11 -7.87
CA GLY A 88 18.64 -10.53 -9.12
C GLY A 88 17.26 -9.98 -9.40
N ASP A 89 16.63 -9.37 -8.39
CA ASP A 89 15.24 -8.92 -8.52
C ASP A 89 15.15 -7.51 -9.08
N ALA A 90 14.12 -7.27 -9.90
CA ALA A 90 13.83 -5.91 -10.36
C ALA A 90 13.13 -5.11 -9.27
N VAL A 91 13.21 -3.78 -9.37
CA VAL A 91 12.56 -2.91 -8.39
C VAL A 91 11.85 -1.77 -9.09
N LEU A 92 10.58 -1.58 -8.73
CA LEU A 92 9.80 -0.45 -9.18
C LEU A 92 9.48 0.39 -7.97
N SER A 93 10.03 1.60 -7.91
CA SER A 93 9.82 2.46 -6.76
C SER A 93 9.22 3.79 -7.21
N GLU A 94 8.29 4.33 -6.43
CA GLU A 94 7.81 5.69 -6.68
C GLU A 94 8.95 6.71 -6.81
N GLU A 95 10.03 6.48 -6.07
CA GLU A 95 11.07 7.50 -5.94
C GLU A 95 12.32 7.27 -6.79
N ALA A 96 12.19 6.42 -7.81
CA ALA A 96 13.33 6.16 -8.69
C ALA A 96 12.85 6.10 -10.12
N HIS A 97 13.74 6.42 -11.05
CA HIS A 97 13.44 6.22 -12.45
C HIS A 97 13.15 4.75 -12.72
N ASP A 98 12.32 4.50 -13.74
CA ASP A 98 11.81 3.17 -14.07
C ASP A 98 12.38 2.77 -15.43
N ASP A 99 13.38 1.87 -15.45
CA ASP A 99 14.04 1.53 -16.70
C ASP A 99 13.35 0.42 -17.50
N LEU A 100 12.24 -0.09 -16.97
CA LEU A 100 11.40 -1.10 -17.61
C LEU A 100 12.03 -2.48 -17.80
N ALA A 101 13.20 -2.71 -17.23
CA ALA A 101 13.76 -4.06 -17.26
C ALA A 101 12.85 -5.05 -16.53
N ARG A 102 12.09 -4.53 -15.57
CA ARG A 102 11.12 -5.32 -14.82
C ARG A 102 10.13 -6.07 -15.71
N LEU A 103 9.85 -5.52 -16.88
CA LEU A 103 8.85 -6.15 -17.76
C LEU A 103 9.30 -7.53 -18.25
N LYS A 104 10.60 -7.81 -18.18
CA LYS A 104 11.13 -9.11 -18.61
C LYS A 104 11.51 -9.99 -17.43
N SER A 105 11.28 -9.50 -16.22
CA SER A 105 11.67 -10.22 -15.00
C SER A 105 10.51 -11.03 -14.46
N ASP A 106 10.82 -12.12 -13.75
CA ASP A 106 9.80 -12.91 -13.08
C ASP A 106 9.63 -12.48 -11.61
N ARG A 107 10.50 -11.60 -11.14
CA ARG A 107 10.45 -11.14 -9.74
C ARG A 107 10.67 -9.63 -9.65
N VAL A 108 9.66 -8.91 -9.16
CA VAL A 108 9.70 -7.43 -9.14
C VAL A 108 9.21 -6.91 -7.80
N TRP A 109 10.05 -6.16 -7.10
CA TRP A 109 9.61 -5.49 -5.87
C TRP A 109 8.92 -4.20 -6.27
N ILE A 110 7.72 -3.98 -5.74
CA ILE A 110 6.96 -2.77 -6.04
C ILE A 110 6.82 -2.03 -4.72
N ILE A 111 7.53 -0.91 -4.58
CA ILE A 111 7.64 -0.27 -3.28
C ILE A 111 7.21 1.19 -3.26
N ASP A 112 6.55 1.57 -2.17
CA ASP A 112 6.28 2.97 -1.87
C ASP A 112 7.09 3.28 -0.61
N PRO A 113 8.24 3.96 -0.75
CA PRO A 113 9.12 4.14 0.42
C PRO A 113 8.44 4.92 1.54
N LEU A 114 7.55 5.82 1.16
CA LEU A 114 6.73 6.58 2.10
C LEU A 114 5.41 6.87 1.44
N ASP A 115 4.36 6.22 1.89
CA ASP A 115 3.01 6.51 1.37
C ASP A 115 2.29 7.41 2.36
N GLY A 116 1.71 8.51 1.86
CA GLY A 116 1.13 9.51 2.76
C GLY A 116 2.22 10.49 3.19
N THR A 117 3.04 10.91 2.23
CA THR A 117 4.08 11.91 2.48
C THR A 117 3.52 13.19 3.11
N ARG A 118 2.34 13.60 2.63
CA ARG A 118 1.65 14.76 3.20
C ARG A 118 1.43 14.60 4.71
N GLU A 119 0.88 13.45 5.08
CA GLU A 119 0.56 13.16 6.48
C GLU A 119 1.83 13.01 7.34
N PHE A 120 2.84 12.34 6.80
CA PHE A 120 4.14 12.23 7.45
C PHE A 120 4.70 13.62 7.79
N SER A 121 4.47 14.58 6.90
CA SER A 121 5.04 15.91 7.02
CA SER A 121 5.05 15.90 7.05
C SER A 121 4.22 16.81 7.95
N THR A 122 3.16 16.25 8.52
CA THR A 122 2.22 17.00 9.39
C THR A 122 2.36 16.53 10.84
N PRO A 123 2.51 17.47 11.80
CA PRO A 123 2.68 17.05 13.19
C PRO A 123 1.54 16.18 13.70
N GLY A 124 1.87 15.10 14.40
CA GLY A 124 0.88 14.32 15.11
C GLY A 124 0.11 13.31 14.29
N ARG A 125 0.31 13.30 12.98
CA ARG A 125 -0.44 12.37 12.12
C ARG A 125 0.20 11.00 12.11
N ASP A 126 -0.63 9.96 12.23
CA ASP A 126 -0.07 8.62 12.23
C ASP A 126 -0.54 7.82 11.02
N ASP A 127 -1.26 8.49 10.10
CA ASP A 127 -1.78 7.81 8.92
C ASP A 127 -0.84 7.95 7.71
N TRP A 128 0.29 7.25 7.81
CA TRP A 128 1.26 7.16 6.72
C TRP A 128 1.94 5.81 6.84
N ALA A 129 2.55 5.35 5.76
CA ALA A 129 2.93 3.94 5.68
C ALA A 129 4.18 3.71 4.84
N VAL A 130 4.73 2.51 4.97
CA VAL A 130 5.73 2.01 4.01
C VAL A 130 5.16 0.78 3.32
N HIS A 131 5.23 0.74 1.98
CA HIS A 131 4.66 -0.38 1.22
C HIS A 131 5.76 -1.21 0.56
N ILE A 132 5.85 -2.50 0.88
CA ILE A 132 6.84 -3.38 0.27
C ILE A 132 6.13 -4.61 -0.30
N ALA A 133 6.07 -4.72 -1.62
CA ALA A 133 5.41 -5.85 -2.27
C ALA A 133 6.37 -6.58 -3.19
N LEU A 134 6.27 -7.91 -3.20
CA LEU A 134 6.93 -8.72 -4.23
C LEU A 134 5.91 -9.27 -5.21
N TRP A 135 6.09 -8.90 -6.46
CA TRP A 135 5.33 -9.44 -7.60
C TRP A 135 6.09 -10.61 -8.20
N ARG A 136 5.42 -11.74 -8.43
CA ARG A 136 6.06 -12.87 -9.08
C ARG A 136 5.22 -13.33 -10.24
N ARG A 137 5.87 -13.61 -11.37
CA ARG A 137 5.14 -13.97 -12.58
C ARG A 137 4.44 -15.32 -12.44
N SER A 138 3.18 -15.37 -12.86
CA SER A 138 2.38 -16.59 -12.72
C SER A 138 1.86 -17.13 -14.05
N SER A 139 1.79 -18.45 -14.17
CA SER A 139 1.30 -19.11 -15.38
C SER A 139 -0.07 -19.72 -15.14
N GLU A 144 -0.47 -13.10 -7.70
CA GLU A 144 0.57 -12.32 -8.39
C GLU A 144 1.45 -11.55 -7.40
N ILE A 145 0.85 -10.79 -6.49
CA ILE A 145 1.61 -10.28 -5.35
C ILE A 145 1.72 -11.40 -4.32
N THR A 146 2.86 -12.06 -4.27
CA THR A 146 3.02 -13.27 -3.47
C THR A 146 3.41 -13.01 -2.02
N ASP A 147 4.09 -11.90 -1.77
CA ASP A 147 4.61 -11.58 -0.44
C ASP A 147 4.59 -10.08 -0.29
N ALA A 148 4.19 -9.60 0.87
CA ALA A 148 4.07 -8.16 1.05
C ALA A 148 4.05 -7.78 2.51
N ALA A 149 4.40 -6.52 2.78
CA ALA A 149 4.29 -5.95 4.13
C ALA A 149 3.88 -4.49 4.03
N VAL A 150 3.09 -4.06 5.02
CA VAL A 150 2.74 -2.64 5.16
C VAL A 150 3.13 -2.22 6.57
N ALA A 151 4.03 -1.24 6.70
CA ALA A 151 4.36 -0.69 8.02
C ALA A 151 3.60 0.59 8.28
N LEU A 152 3.13 0.76 9.51
CA LEU A 152 2.57 2.04 9.94
C LEU A 152 3.49 2.56 11.05
N PRO A 153 4.58 3.27 10.67
CA PRO A 153 5.66 3.51 11.64
C PRO A 153 5.24 4.29 12.87
N ALA A 154 4.30 5.22 12.72
CA ALA A 154 3.86 6.01 13.87
C ALA A 154 2.91 5.24 14.80
N ARG A 155 2.39 4.11 14.35
CA ARG A 155 1.58 3.24 15.23
C ARG A 155 2.44 2.13 15.80
N GLY A 156 3.45 2.51 16.57
CA GLY A 156 4.36 1.56 17.19
C GLY A 156 5.17 0.75 16.21
N ASN A 157 5.33 1.26 14.99
CA ASN A 157 5.96 0.57 13.86
C ASN A 157 5.42 -0.84 13.68
N VAL A 158 4.10 -0.95 13.78
CA VAL A 158 3.42 -2.20 13.48
C VAL A 158 3.67 -2.54 12.01
N VAL A 159 3.88 -3.82 11.73
CA VAL A 159 4.08 -4.27 10.35
C VAL A 159 3.09 -5.37 10.05
N TYR A 160 2.19 -5.12 9.11
CA TYR A 160 1.26 -6.13 8.63
C TYR A 160 1.97 -6.90 7.54
N ARG A 161 1.91 -8.22 7.61
CA ARG A 161 2.67 -9.03 6.66
C ARG A 161 1.89 -10.25 6.17
N THR A 162 2.09 -10.61 4.91
CA THR A 162 1.30 -11.67 4.29
C THR A 162 1.46 -13.03 4.98
N ASP A 163 2.59 -13.24 5.67
CA ASP A 163 2.82 -14.54 6.28
C ASP A 163 2.33 -14.65 7.73
N THR A 164 1.83 -13.56 8.31
CA THR A 164 1.27 -13.64 9.67
C THR A 164 -0.12 -13.01 9.84
N VAL A 165 -0.63 -12.32 8.81
CA VAL A 165 -1.92 -11.67 8.94
C VAL A 165 -3.01 -12.75 9.02
N THR A 166 -4.07 -12.54 9.80
CA THR A 166 -5.03 -13.65 9.94
C THR A 166 -6.34 -13.44 9.20
N SER A 167 -7.00 -14.58 8.94
CA SER A 167 -8.30 -14.62 8.30
C SER A 167 -9.40 -14.87 9.33
N PRO A 175 -23.96 -4.64 7.44
CA PRO A 175 -24.50 -4.38 6.12
C PRO A 175 -25.64 -3.35 6.13
N GLY A 176 -26.21 -3.08 7.30
CA GLY A 176 -27.22 -2.04 7.43
C GLY A 176 -26.60 -0.71 7.04
N THR A 177 -25.42 -0.45 7.57
CA THR A 177 -24.72 0.80 7.29
C THR A 177 -23.22 0.52 7.17
N LEU A 178 -22.55 1.25 6.27
CA LEU A 178 -21.14 0.99 5.99
C LEU A 178 -20.25 2.15 6.35
N ARG A 179 -19.11 1.84 6.95
CA ARG A 179 -18.04 2.83 7.11
C ARG A 179 -17.05 2.60 5.97
N ILE A 180 -16.78 3.63 5.17
CA ILE A 180 -15.87 3.45 4.03
C ILE A 180 -14.73 4.46 4.10
N ALA A 181 -13.52 3.95 4.19
CA ALA A 181 -12.34 4.81 4.23
C ALA A 181 -12.10 5.41 2.86
N VAL A 182 -11.90 6.73 2.82
CA VAL A 182 -11.59 7.42 1.58
C VAL A 182 -10.46 8.41 1.82
N SER A 183 -9.78 8.79 0.75
CA SER A 183 -8.72 9.78 0.82
C SER A 183 -9.15 11.04 1.55
N ALA A 184 -8.30 11.51 2.45
CA ALA A 184 -8.50 12.77 3.15
C ALA A 184 -8.22 13.96 2.23
N THR A 185 -7.67 13.68 1.05
CA THR A 185 -7.23 14.74 0.15
C THR A 185 -8.00 14.75 -1.16
N ARG A 186 -8.08 13.59 -1.79
CA ARG A 186 -8.78 13.44 -3.07
C ARG A 186 -9.77 12.28 -3.05
N PRO A 187 -10.85 12.42 -2.26
CA PRO A 187 -11.86 11.34 -2.22
C PRO A 187 -12.56 11.17 -3.57
N PRO A 188 -12.99 9.94 -3.89
CA PRO A 188 -13.56 9.62 -5.21
C PRO A 188 -14.98 10.15 -5.40
N ALA A 189 -15.23 10.73 -6.57
CA ALA A 189 -16.53 11.33 -6.87
C ALA A 189 -17.64 10.29 -6.95
N VAL A 190 -17.28 9.06 -7.34
CA VAL A 190 -18.27 8.00 -7.56
C VAL A 190 -19.00 7.66 -6.26
N LEU A 191 -18.39 7.99 -5.13
CA LEU A 191 -19.01 7.74 -3.84
C LEU A 191 -20.37 8.44 -3.75
N HIS A 192 -20.46 9.64 -4.30
CA HIS A 192 -21.69 10.42 -4.20
C HIS A 192 -22.89 9.69 -4.80
N ARG A 193 -22.69 9.04 -5.94
CA ARG A 193 -23.77 8.28 -6.56
C ARG A 193 -24.18 7.06 -5.74
N ILE A 194 -23.21 6.32 -5.19
CA ILE A 194 -23.59 5.09 -4.52
C ILE A 194 -24.22 5.41 -3.16
N ARG A 195 -23.91 6.57 -2.60
CA ARG A 195 -24.56 6.98 -1.36
C ARG A 195 -26.04 7.32 -1.51
N GLN A 196 -26.54 7.41 -2.73
CA GLN A 196 -27.97 7.64 -2.90
C GLN A 196 -28.76 6.38 -2.55
N THR A 197 -28.09 5.23 -2.66
CA THR A 197 -28.75 3.94 -2.46
C THR A 197 -28.25 3.13 -1.25
N LEU A 198 -27.06 3.44 -0.76
CA LEU A 198 -26.49 2.72 0.36
C LEU A 198 -26.18 3.72 1.47
N ALA A 199 -26.54 3.36 2.69
CA ALA A 199 -26.14 4.13 3.87
C ALA A 199 -24.64 3.98 4.10
N ILE A 200 -23.91 5.07 3.96
CA ILE A 200 -22.45 5.07 4.04
C ILE A 200 -21.97 6.29 4.80
N GLN A 201 -21.02 6.09 5.71
CA GLN A 201 -20.31 7.20 6.32
C GLN A 201 -18.87 7.16 5.86
N PRO A 202 -18.45 8.17 5.09
CA PRO A 202 -17.03 8.20 4.68
C PRO A 202 -16.12 8.54 5.84
N VAL A 203 -15.00 7.85 5.90
CA VAL A 203 -14.04 8.06 6.97
C VAL A 203 -12.76 8.57 6.32
N SER A 204 -12.44 9.85 6.56
CA SER A 204 -11.29 10.48 5.90
C SER A 204 -10.00 10.11 6.60
N ILE A 205 -9.11 9.47 5.86
CA ILE A 205 -7.84 8.98 6.39
C ILE A 205 -6.79 9.20 5.30
N GLY A 206 -5.57 9.56 5.70
CA GLY A 206 -4.48 9.63 4.73
C GLY A 206 -3.86 8.27 4.50
N SER A 207 -3.20 8.11 3.35
CA SER A 207 -2.40 6.93 2.98
C SER A 207 -3.26 5.75 2.56
N ALA A 208 -2.89 5.14 1.44
CA ALA A 208 -3.53 3.91 0.98
C ALA A 208 -3.27 2.78 1.94
N GLY A 209 -2.03 2.67 2.41
CA GLY A 209 -1.69 1.64 3.38
C GLY A 209 -2.50 1.74 4.66
N ALA A 210 -2.62 2.96 5.20
CA ALA A 210 -3.38 3.14 6.43
C ALA A 210 -4.85 2.80 6.24
N LYS A 211 -5.43 3.19 5.10
CA LYS A 211 -6.83 2.89 4.86
C LYS A 211 -7.08 1.40 4.66
N ALA A 212 -6.18 0.72 3.96
CA ALA A 212 -6.31 -0.72 3.78
C ALA A 212 -6.18 -1.44 5.12
N MET A 213 -5.25 -1.00 5.96
CA MET A 213 -5.06 -1.70 7.22
C MET A 213 -6.20 -1.39 8.20
N ALA A 214 -6.89 -0.26 8.01
CA ALA A 214 -8.10 0.01 8.79
C ALA A 214 -9.20 -1.01 8.46
N VAL A 215 -9.21 -1.51 7.22
CA VAL A 215 -10.14 -2.58 6.85
C VAL A 215 -9.78 -3.87 7.59
N ILE A 216 -8.50 -4.24 7.56
CA ILE A 216 -8.00 -5.41 8.29
C ILE A 216 -8.35 -5.31 9.78
N ASP A 217 -8.18 -4.11 10.33
CA ASP A 217 -8.41 -3.86 11.75
C ASP A 217 -9.88 -3.92 12.15
N GLY A 218 -10.77 -3.66 11.18
CA GLY A 218 -12.20 -3.57 11.46
C GLY A 218 -12.66 -2.17 11.81
N TYR A 219 -11.78 -1.19 11.59
CA TYR A 219 -12.11 0.21 11.87
C TYR A 219 -13.08 0.76 10.83
N VAL A 220 -12.98 0.23 9.62
CA VAL A 220 -13.94 0.50 8.54
C VAL A 220 -14.32 -0.81 7.86
N ASP A 221 -15.38 -0.78 7.07
CA ASP A 221 -15.83 -1.95 6.32
C ASP A 221 -15.13 -2.09 4.97
N ALA A 222 -14.68 -0.97 4.44
CA ALA A 222 -14.16 -0.93 3.07
C ALA A 222 -13.27 0.27 2.86
N TYR A 223 -12.39 0.14 1.87
CA TYR A 223 -11.58 1.23 1.36
C TYR A 223 -11.89 1.33 -0.12
N LEU A 224 -12.34 2.50 -0.55
CA LEU A 224 -12.71 2.72 -1.94
C LEU A 224 -11.92 3.89 -2.50
N HIS A 225 -11.27 3.69 -3.65
CA HIS A 225 -10.58 4.78 -4.30
C HIS A 225 -10.85 4.83 -5.79
N ALA A 226 -10.88 6.04 -6.32
CA ALA A 226 -10.94 6.24 -7.76
C ALA A 226 -10.27 7.56 -8.09
N GLY A 227 -10.00 7.78 -9.37
CA GLY A 227 -9.50 9.07 -9.82
C GLY A 227 -7.99 9.10 -10.00
N GLY A 228 -7.32 7.98 -9.75
CA GLY A 228 -5.88 7.91 -9.97
C GLY A 228 -5.11 7.35 -8.80
N GLN A 229 -4.07 6.59 -9.12
CA GLN A 229 -3.16 6.00 -8.14
C GLN A 229 -2.09 5.26 -8.93
N TRP A 230 -1.05 4.80 -8.23
CA TRP A 230 0.04 4.07 -8.86
C TRP A 230 0.16 2.70 -8.26
N GLU A 231 0.84 1.79 -8.96
CA GLU A 231 0.92 0.41 -8.50
C GLU A 231 1.46 0.30 -7.07
N TRP A 232 2.46 1.13 -6.73
CA TRP A 232 3.09 1.01 -5.41
C TRP A 232 2.15 1.46 -4.30
N ASP A 233 1.13 2.23 -4.64
CA ASP A 233 0.12 2.60 -3.65
C ASP A 233 -0.74 1.42 -3.20
N SER A 234 -0.98 0.48 -4.10
CA SER A 234 -1.91 -0.58 -3.78
C SER A 234 -1.32 -1.99 -3.73
N ALA A 235 -0.10 -2.19 -4.25
CA ALA A 235 0.40 -3.56 -4.38
C ALA A 235 0.59 -4.24 -3.04
N ALA A 236 1.29 -3.60 -2.10
CA ALA A 236 1.49 -4.22 -0.80
C ALA A 236 0.17 -4.31 -0.01
N PRO A 237 -0.64 -3.23 0.02
CA PRO A 237 -1.94 -3.38 0.69
C PRO A 237 -2.81 -4.50 0.11
N ALA A 238 -2.82 -4.64 -1.22
CA ALA A 238 -3.57 -5.72 -1.86
C ALA A 238 -3.04 -7.09 -1.46
N GLY A 239 -1.72 -7.25 -1.47
CA GLY A 239 -1.13 -8.51 -1.05
C GLY A 239 -1.58 -8.93 0.35
N VAL A 240 -1.52 -7.99 1.27
CA VAL A 240 -1.92 -8.24 2.65
C VAL A 240 -3.43 -8.54 2.74
N MET A 241 -4.21 -7.75 2.02
CA MET A 241 -5.68 -7.91 2.00
C MET A 241 -6.07 -9.32 1.54
N LEU A 242 -5.47 -9.76 0.45
CA LEU A 242 -5.78 -11.06 -0.11
C LEU A 242 -5.29 -12.19 0.80
N ALA A 243 -4.13 -12.00 1.43
CA ALA A 243 -3.59 -12.99 2.38
C ALA A 243 -4.48 -13.14 3.61
N ALA A 244 -5.17 -12.06 3.98
CA ALA A 244 -6.09 -12.07 5.11
C ALA A 244 -7.45 -12.65 4.72
N GLY A 245 -7.58 -13.08 3.48
CA GLY A 245 -8.84 -13.62 3.00
C GLY A 245 -9.91 -12.58 2.73
N MET A 246 -9.49 -11.33 2.57
CA MET A 246 -10.43 -10.26 2.28
C MET A 246 -10.43 -9.97 0.78
N HIS A 247 -11.24 -9.00 0.38
CA HIS A 247 -11.44 -8.71 -1.04
C HIS A 247 -10.57 -7.55 -1.51
N ALA A 248 -9.94 -7.71 -2.68
CA ALA A 248 -9.19 -6.61 -3.30
C ALA A 248 -9.29 -6.72 -4.81
N SER A 249 -9.90 -5.70 -5.43
CA SER A 249 -10.10 -5.70 -6.88
C SER A 249 -10.18 -4.29 -7.41
N ARG A 250 -10.29 -4.17 -8.73
CA ARG A 250 -10.70 -2.92 -9.35
C ARG A 250 -12.17 -2.64 -9.02
N LEU A 251 -12.61 -1.41 -9.21
CA LEU A 251 -14.01 -1.06 -8.95
C LEU A 251 -14.99 -1.86 -9.78
N ASP A 252 -14.58 -2.29 -10.97
CA ASP A 252 -15.46 -3.08 -11.83
C ASP A 252 -15.39 -4.57 -11.51
N GLY A 253 -14.66 -4.91 -10.45
CA GLY A 253 -14.59 -6.29 -10.00
C GLY A 253 -13.44 -7.12 -10.56
N SER A 254 -12.74 -6.60 -11.56
CA SER A 254 -11.64 -7.33 -12.19
C SER A 254 -10.38 -7.29 -11.32
N PRO A 255 -9.47 -8.26 -11.53
CA PRO A 255 -8.29 -8.28 -10.65
C PRO A 255 -7.38 -7.06 -10.80
N LEU A 256 -6.75 -6.69 -9.69
CA LEU A 256 -5.67 -5.70 -9.71
C LEU A 256 -4.46 -6.33 -10.40
N ARG A 257 -3.94 -5.66 -11.43
CA ARG A 257 -2.84 -6.20 -12.23
C ARG A 257 -1.59 -5.34 -12.04
N TYR A 258 -0.44 -5.98 -11.85
CA TYR A 258 0.78 -5.26 -11.52
C TYR A 258 1.90 -5.57 -12.52
N ASN A 259 3.01 -4.85 -12.37
CA ASN A 259 4.12 -4.86 -13.30
C ASN A 259 3.67 -4.55 -14.73
N GLN A 260 2.81 -3.56 -14.89
CA GLN A 260 2.36 -3.15 -16.22
C GLN A 260 3.29 -2.07 -16.75
N LEU A 261 3.34 -1.92 -18.08
CA LEU A 261 4.18 -0.90 -18.69
C LEU A 261 3.90 0.46 -18.06
N ASP A 262 2.63 0.82 -18.02
CA ASP A 262 2.16 2.03 -17.35
C ASP A 262 1.69 1.66 -15.94
N PRO A 263 2.45 2.05 -14.91
CA PRO A 263 2.10 1.59 -13.57
C PRO A 263 1.01 2.43 -12.91
N TYR A 264 0.24 3.15 -13.73
CA TYR A 264 -0.95 3.86 -13.27
C TYR A 264 -2.08 2.87 -13.06
N LEU A 265 -2.63 2.92 -11.87
CA LEU A 265 -3.69 2.01 -11.45
CA LEU A 265 -3.69 2.01 -11.47
C LEU A 265 -4.68 2.81 -10.63
N PRO A 266 -5.71 3.33 -11.29
CA PRO A 266 -6.46 4.47 -10.74
C PRO A 266 -7.59 4.19 -9.76
N ASP A 267 -8.03 2.95 -9.62
CA ASP A 267 -9.19 2.72 -8.77
C ASP A 267 -9.12 1.35 -8.13
N LEU A 268 -9.78 1.20 -6.98
CA LEU A 268 -9.69 -0.02 -6.22
C LEU A 268 -10.85 -0.13 -5.23
N LEU A 269 -11.16 -1.37 -4.88
CA LEU A 269 -12.05 -1.66 -3.76
C LEU A 269 -11.38 -2.71 -2.89
N MET A 270 -11.18 -2.39 -1.60
CA MET A 270 -10.68 -3.37 -0.64
C MET A 270 -11.63 -3.44 0.53
N CYS A 271 -12.10 -4.64 0.86
CA CYS A 271 -13.15 -4.76 1.87
C CYS A 271 -13.29 -6.19 2.37
N ARG A 272 -14.08 -6.37 3.44
CA ARG A 272 -14.46 -7.72 3.83
C ARG A 272 -15.16 -8.41 2.68
N ALA A 273 -15.00 -9.73 2.58
CA ALA A 273 -15.58 -10.49 1.48
C ALA A 273 -17.09 -10.30 1.34
N GLU A 274 -17.79 -10.32 2.47
CA GLU A 274 -19.26 -10.23 2.49
C GLU A 274 -19.76 -8.88 1.98
N VAL A 275 -18.91 -7.87 2.05
CA VAL A 275 -19.27 -6.51 1.68
C VAL A 275 -19.04 -6.27 0.18
N ALA A 276 -18.16 -7.05 -0.43
CA ALA A 276 -17.81 -6.85 -1.84
C ALA A 276 -19.01 -6.91 -2.81
N PRO A 277 -19.88 -7.92 -2.69
CA PRO A 277 -21.01 -7.94 -3.63
C PRO A 277 -21.90 -6.69 -3.55
N ILE A 278 -22.13 -6.21 -2.33
CA ILE A 278 -22.98 -5.06 -2.11
C ILE A 278 -22.38 -3.82 -2.78
N LEU A 279 -21.08 -3.61 -2.58
CA LEU A 279 -20.43 -2.43 -3.10
C LEU A 279 -20.18 -2.52 -4.60
N LEU A 280 -19.70 -3.68 -5.07
CA LEU A 280 -19.46 -3.87 -6.50
C LEU A 280 -20.76 -3.74 -7.27
N GLY A 281 -21.84 -4.22 -6.67
CA GLY A 281 -23.18 -4.09 -7.25
C GLY A 281 -23.61 -2.65 -7.37
N ALA A 282 -23.37 -1.88 -6.31
CA ALA A 282 -23.81 -0.49 -6.28
C ALA A 282 -23.03 0.33 -7.28
N ILE A 283 -21.74 0.03 -7.39
CA ILE A 283 -20.89 0.67 -8.38
C ILE A 283 -21.38 0.34 -9.79
N ALA A 284 -21.72 -0.92 -10.02
CA ALA A 284 -22.19 -1.36 -11.32
C ALA A 284 -23.52 -0.70 -11.67
N ASP A 285 -24.38 -0.56 -10.66
CA ASP A 285 -25.71 0.00 -10.84
C ASP A 285 -25.65 1.51 -11.02
N ALA A 286 -24.56 2.11 -10.54
CA ALA A 286 -24.33 3.54 -10.72
C ALA A 286 -24.08 3.86 -12.18
N TRP A 287 -23.64 2.85 -12.93
CA TRP A 287 -23.44 2.98 -14.37
C TRP A 287 -24.74 2.83 -15.14
N ARG A 288 -24.83 1.73 -15.87
CA ARG A 288 -25.98 1.39 -16.69
C ARG A 288 -26.18 2.38 -17.83
#